data_6UET
#
_entry.id   6UET
#
_cell.length_a   1.00
_cell.length_b   1.00
_cell.length_c   1.00
_cell.angle_alpha   90.00
_cell.angle_beta   90.00
_cell.angle_gamma   90.00
#
_symmetry.space_group_name_H-M   'P 1'
#
loop_
_entity.id
_entity.type
_entity.pdbx_description
1 polymer 'RNA (119-MER)'
2 non-polymer S-ADENOSYLMETHIONINE
#
_entity_poly.entity_id   1
_entity_poly.type   'polyribonucleotide'
_entity_poly.pdbx_seq_one_letter_code
;GGUCAUGAGUGCCAGCGUCAAGCCCCGGCUUGCUGGCCGGCAACCCUCCAACCGCGGUGGGGUGCCCCGGGUGAUGACCA
GGUUGAGUAGCCGUGACGGCUACGCGGCAAGCGCGGGUC
;
_entity_poly.pdbx_strand_id   A
#
loop_
_chem_comp.id
_chem_comp.type
_chem_comp.name
_chem_comp.formula
A RNA linking ADENOSINE-5'-MONOPHOSPHATE 'C10 H14 N5 O7 P'
C RNA linking CYTIDINE-5'-MONOPHOSPHATE 'C9 H14 N3 O8 P'
G RNA linking GUANOSINE-5'-MONOPHOSPHATE 'C10 H14 N5 O8 P'
SAM non-polymer S-ADENOSYLMETHIONINE 'C15 H22 N6 O5 S'
U RNA linking URIDINE-5'-MONOPHOSPHATE 'C9 H13 N2 O9 P'
#
# COMPACT_ATOMS: atom_id res chain seq x y z
N SAM B . 1.68 0.43 -1.74
CA SAM B . 1.83 -0.95 -2.20
C SAM B . 0.94 -1.31 -3.38
O SAM B . 1.16 -2.33 -4.05
OXT SAM B . -0.02 -0.61 -3.69
CB SAM B . 1.55 -1.90 -1.04
CG SAM B . 2.52 -1.71 0.11
SD SAM B . 2.15 -2.99 1.31
CE SAM B . 2.16 -4.43 0.21
C5' SAM B . 0.39 -2.63 1.31
C4' SAM B . 0.08 -1.52 2.29
O4' SAM B . 0.72 -0.31 1.98
C3' SAM B . -1.40 -1.23 2.31
O3' SAM B . -2.00 -2.04 3.29
C2' SAM B . -1.48 0.22 2.71
O2' SAM B . -1.77 0.33 4.07
C1' SAM B . -0.10 0.75 2.43
N9 SAM B . -0.17 1.75 1.38
C8 SAM B . 0.38 2.99 1.39
N7 SAM B . 0.10 3.59 0.22
C5 SAM B . -0.61 2.72 -0.53
C6 SAM B . -1.13 2.83 -1.79
N6 SAM B . -0.97 3.94 -2.49
N1 SAM B . -1.82 1.76 -2.33
C2 SAM B . -1.97 0.61 -1.60
N3 SAM B . -1.43 0.51 -0.34
C4 SAM B . -0.78 1.56 0.18
#